data_2O17
#
_entry.id   2O17
#
_cell.length_a   51.254
_cell.length_b   69.345
_cell.length_c   59.826
_cell.angle_alpha   90.00
_cell.angle_beta   113.69
_cell.angle_gamma   90.00
#
_symmetry.space_group_name_H-M   'P 1 21 1'
#
loop_
_entity.id
_entity.type
_entity.pdbx_description
1 polymer 'Pectate lyase'
2 branched 'alpha-D-galactopyranuronic acid-(1-4)-alpha-D-galactopyranuronic acid-(1-4)-alpha-D-galactopyranuronic acid-(1-4)-alpha-D-galactopyranuronic acid-(1-4)-alpha-D-galactopyranuronic acid'
3 non-polymer 'CALCIUM ION'
4 water water
#
_entity_poly.entity_id   1
_entity_poly.type   'polypeptide(L)'
_entity_poly.pdbx_seq_one_letter_code
;ADLGHQTLGSNDGWGAYSTGTTGGSKASSSNVYTVSNRNQLVSALGKETNTTPKIIYIKGTIDMNVDDNLKPLGLNDYKD
PEYDLDKYLKAYDPSTWGKKEPSGTQEEARARSQKNQKARVMVDIPANTTIVGSGTNAKVVGGNFQIKSDNVIIRNIEFQ
DAYDYFPQWDPTDGSSGNWNSQYDNITINGGTHIWIDHCTFNDGSRPDSTSPKYYGRKYQHHDGQTDASNGANYITMSYN
YYHDHDKSSIFGSSDSKTSDDGKLKITLHHNRYKNIVQAAPRVRFGQVHVYNNYYEGSTSSSSYPFSYAWGIGKSSKIYA
QNNVIDVPGLSAAKTISVFSGGTALYDSGTLLNGTQINASAANGLSSSVGWTPSLHGSIDASANVKSNVINQAGAGKLN
;
_entity_poly.pdbx_strand_id   A
#
loop_
_chem_comp.id
_chem_comp.type
_chem_comp.name
_chem_comp.formula
ADA D-saccharide, alpha linking 'alpha-D-galactopyranuronic acid' 'C6 H10 O7'
CA non-polymer 'CALCIUM ION' 'Ca 2'
#
# COMPACT_ATOMS: atom_id res chain seq x y z
N ALA A 1 21.32 16.68 7.95
CA ALA A 1 20.42 16.01 8.94
C ALA A 1 20.35 14.51 8.67
N ASP A 2 20.18 13.70 9.72
CA ASP A 2 19.94 12.27 9.53
C ASP A 2 18.49 12.06 9.03
N LEU A 3 18.11 10.82 8.77
CA LEU A 3 16.79 10.51 8.24
C LEU A 3 15.70 10.85 9.25
N GLY A 4 16.02 10.71 10.53
CA GLY A 4 15.10 11.10 11.62
C GLY A 4 14.68 12.57 11.61
N HIS A 5 15.63 13.45 11.27
CA HIS A 5 15.42 14.89 11.33
C HIS A 5 15.14 15.55 9.97
N GLN A 6 15.36 14.84 8.86
CA GLN A 6 15.03 15.38 7.53
C GLN A 6 13.52 15.62 7.29
N THR A 7 13.24 16.54 6.37
CA THR A 7 11.88 16.86 5.97
C THR A 7 11.79 16.63 4.46
N LEU A 8 10.56 16.53 3.95
CA LEU A 8 10.29 16.45 2.52
C LEU A 8 10.68 17.78 1.87
N GLY A 9 11.39 17.70 0.74
CA GLY A 9 11.82 18.91 0.02
C GLY A 9 10.62 19.73 -0.41
N SER A 10 10.78 21.05 -0.49
CA SER A 10 9.66 21.95 -0.81
C SER A 10 9.09 21.82 -2.23
N ASN A 11 9.76 21.03 -3.07
CA ASN A 11 9.31 20.72 -4.43
C ASN A 11 9.01 19.24 -4.62
N ASP A 12 9.17 18.45 -3.56
CA ASP A 12 9.10 17.01 -3.67
C ASP A 12 7.67 16.42 -3.62
N GLY A 13 6.91 16.60 -4.71
CA GLY A 13 5.58 16.01 -4.86
C GLY A 13 4.46 16.70 -4.10
N TRP A 14 3.25 16.15 -4.22
CA TRP A 14 2.05 16.65 -3.54
C TRP A 14 2.17 16.79 -2.00
N GLY A 15 3.06 16.01 -1.37
CA GLY A 15 3.27 16.11 0.08
C GLY A 15 3.88 17.43 0.53
N ALA A 16 4.53 18.14 -0.39
CA ALA A 16 5.14 19.44 -0.14
C ALA A 16 4.15 20.62 -0.29
N TYR A 17 2.89 20.29 -0.55
CA TYR A 17 1.82 21.28 -0.75
C TYR A 17 1.44 21.99 0.54
N SER A 18 1.21 23.30 0.43
CA SER A 18 0.84 24.21 1.53
C SER A 18 1.81 24.15 2.72
N THR A 19 1.37 23.63 3.85
CA THR A 19 2.24 23.56 5.03
C THR A 19 3.35 22.50 4.92
N GLY A 20 3.23 21.61 3.93
CA GLY A 20 4.25 20.61 3.67
C GLY A 20 4.33 19.46 4.67
N THR A 21 5.44 18.71 4.60
CA THR A 21 5.62 17.53 5.42
C THR A 21 6.97 17.55 6.12
N THR A 22 6.93 17.99 7.38
CA THR A 22 8.12 18.06 8.22
C THR A 22 8.18 16.93 9.26
N GLY A 23 7.06 16.22 9.46
CA GLY A 23 6.95 15.16 10.48
C GLY A 23 7.27 15.66 11.88
N GLY A 24 8.14 14.93 12.56
CA GLY A 24 8.59 15.34 13.88
C GLY A 24 10.00 15.91 13.92
N SER A 25 10.47 16.46 12.79
CA SER A 25 11.80 17.05 12.70
C SER A 25 12.13 18.04 13.84
N LYS A 26 11.11 18.78 14.30
CA LYS A 26 11.29 19.81 15.34
C LYS A 26 11.17 19.31 16.78
N ALA A 27 11.15 17.99 16.95
CA ALA A 27 10.99 17.35 18.26
C ALA A 27 12.04 17.80 19.27
N SER A 28 11.58 18.03 20.49
CA SER A 28 12.46 18.24 21.63
C SER A 28 12.98 16.90 22.13
N SER A 29 14.00 16.96 22.98
CA SER A 29 14.81 15.79 23.35
C SER A 29 14.05 14.64 24.02
N SER A 30 12.99 14.93 24.75
CA SER A 30 12.23 13.85 25.39
C SER A 30 11.19 13.26 24.46
N ASN A 31 11.12 13.79 23.23
CA ASN A 31 10.21 13.29 22.19
C ASN A 31 10.96 12.59 21.04
N VAL A 32 12.17 12.11 21.33
CA VAL A 32 12.93 11.28 20.41
C VAL A 32 13.04 9.87 21.03
N TYR A 33 12.55 8.86 20.33
CA TYR A 33 12.57 7.50 20.87
C TYR A 33 13.32 6.53 19.97
N THR A 34 13.84 5.47 20.61
CA THR A 34 14.39 4.31 19.92
C THR A 34 13.63 3.09 20.42
N VAL A 35 13.09 2.31 19.49
CA VAL A 35 12.18 1.20 19.83
C VAL A 35 12.58 -0.10 19.13
N SER A 36 12.57 -1.21 19.86
CA SER A 36 12.93 -2.51 19.25
C SER A 36 11.93 -3.63 19.51
N ASN A 37 10.76 -3.28 20.03
CA ASN A 37 9.66 -4.22 20.09
C ASN A 37 8.29 -3.54 20.02
N ARG A 38 7.23 -4.35 19.99
CA ARG A 38 5.86 -3.84 19.93
C ARG A 38 5.54 -2.92 21.12
N ASN A 39 5.85 -3.38 22.34
CA ASN A 39 5.63 -2.57 23.54
C ASN A 39 6.25 -1.18 23.46
N GLN A 40 7.52 -1.11 23.03
CA GLN A 40 8.22 0.17 22.95
C GLN A 40 7.65 1.06 21.87
N LEU A 41 7.36 0.48 20.71
CA LEU A 41 6.72 1.22 19.60
C LEU A 41 5.39 1.87 20.02
N VAL A 42 4.52 1.06 20.62
CA VAL A 42 3.20 1.50 21.09
C VAL A 42 3.28 2.56 22.24
N SER A 43 4.20 2.37 23.19
CA SER A 43 4.46 3.41 24.21
C SER A 43 4.89 4.74 23.54
N ALA A 44 5.78 4.65 22.55
CA ALA A 44 6.31 5.81 21.84
C ALA A 44 5.22 6.59 21.13
N LEU A 45 4.48 5.92 20.25
CA LEU A 45 3.37 6.53 19.51
C LEU A 45 2.33 7.16 20.42
N GLY A 46 1.98 6.45 21.50
CA GLY A 46 0.96 6.92 22.44
C GLY A 46 -0.40 7.08 21.75
N LYS A 47 -1.17 8.06 22.19
CA LYS A 47 -2.51 8.26 21.64
C LYS A 47 -2.57 9.45 20.67
N GLU A 48 -3.77 9.71 20.17
CA GLU A 48 -4.02 10.72 19.13
C GLU A 48 -3.73 12.14 19.64
N THR A 49 -3.79 12.29 20.96
CA THR A 49 -3.48 13.52 21.69
C THR A 49 -1.96 13.78 21.82
N ASN A 50 -1.15 12.82 21.38
CA ASN A 50 0.31 12.91 21.39
C ASN A 50 0.77 13.65 20.11
N THR A 51 0.53 14.95 20.04
CA THR A 51 0.76 15.72 18.81
C THR A 51 2.06 16.56 18.73
N THR A 52 2.82 16.69 19.83
CA THR A 52 4.14 17.34 19.74
C THR A 52 4.96 16.62 18.70
N PRO A 53 5.81 17.34 17.96
CA PRO A 53 6.79 16.70 17.09
C PRO A 53 7.53 15.56 17.80
N LYS A 54 7.66 14.42 17.14
CA LYS A 54 8.37 13.25 17.70
C LYS A 54 9.12 12.51 16.59
N ILE A 55 10.20 11.84 16.96
CA ILE A 55 10.98 11.03 16.05
C ILE A 55 11.13 9.64 16.68
N ILE A 56 10.92 8.60 15.88
CA ILE A 56 10.93 7.25 16.38
C ILE A 56 11.84 6.40 15.51
N TYR A 57 12.91 5.89 16.12
CA TYR A 57 13.90 5.06 15.43
C TYR A 57 13.59 3.59 15.66
N ILE A 58 13.43 2.86 14.57
CA ILE A 58 13.21 1.41 14.68
C ILE A 58 14.55 0.69 14.59
N LYS A 59 14.84 -0.07 15.63
CA LYS A 59 16.04 -0.87 15.73
C LYS A 59 15.67 -2.37 15.58
N GLY A 60 16.13 -2.99 14.49
CA GLY A 60 15.87 -4.40 14.24
C GLY A 60 14.45 -4.71 13.79
N THR A 61 14.02 -5.95 14.10
CA THR A 61 12.72 -6.48 13.68
C THR A 61 11.62 -6.33 14.73
N ILE A 62 10.54 -5.64 14.34
CA ILE A 62 9.37 -5.54 15.22
C ILE A 62 8.18 -6.39 14.72
N ASP A 63 7.97 -7.52 15.40
CA ASP A 63 6.82 -8.40 15.18
C ASP A 63 5.60 -7.85 15.94
N MET A 64 4.52 -7.57 15.20
CA MET A 64 3.30 -7.01 15.80
C MET A 64 2.30 -8.09 16.26
N ASN A 65 2.54 -9.34 15.86
CA ASN A 65 1.70 -10.44 16.30
C ASN A 65 2.22 -11.07 17.58
N VAL A 66 2.28 -10.25 18.63
CA VAL A 66 2.76 -10.68 19.95
C VAL A 66 1.85 -10.16 21.09
N ASP A 67 1.96 -10.77 22.27
CA ASP A 67 1.22 -10.27 23.44
C ASP A 67 2.01 -9.19 24.20
N ASP A 68 1.52 -8.81 25.38
CA ASP A 68 2.11 -7.75 26.19
C ASP A 68 3.45 -8.15 26.79
N ASN A 69 3.70 -9.46 26.82
CA ASN A 69 5.01 -10.03 27.17
C ASN A 69 5.86 -10.41 25.95
N LEU A 70 5.42 -10.03 24.75
CA LEU A 70 6.16 -10.28 23.51
C LEU A 70 6.22 -11.75 23.02
N LYS A 71 5.33 -12.61 23.54
CA LYS A 71 5.18 -13.97 23.01
C LYS A 71 4.34 -14.00 21.74
N PRO A 72 4.81 -14.74 20.70
CA PRO A 72 4.13 -14.87 19.41
C PRO A 72 2.66 -15.29 19.51
N LEU A 73 1.80 -14.61 18.78
CA LEU A 73 0.38 -14.92 18.73
C LEU A 73 0.00 -15.48 17.36
N GLY A 74 -0.94 -16.41 17.35
CA GLY A 74 -1.33 -17.08 16.11
C GLY A 74 -2.82 -17.25 16.06
N LEU A 75 -3.27 -18.09 15.13
CA LEU A 75 -4.69 -18.30 14.87
C LEU A 75 -5.50 -18.62 16.13
N ASN A 76 -5.05 -19.59 16.92
CA ASN A 76 -5.82 -20.05 18.08
C ASN A 76 -5.81 -19.07 19.24
N ASP A 77 -4.82 -18.20 19.26
CA ASP A 77 -4.79 -17.11 20.22
C ASP A 77 -5.86 -16.06 19.94
N TYR A 78 -6.12 -15.77 18.66
CA TYR A 78 -7.08 -14.73 18.27
C TYR A 78 -8.50 -15.27 18.10
N LYS A 79 -8.59 -16.56 17.78
CA LYS A 79 -9.85 -17.26 17.53
C LYS A 79 -10.94 -16.95 18.56
N ASP A 80 -12.10 -16.55 18.09
CA ASP A 80 -13.31 -16.53 18.92
C ASP A 80 -13.65 -17.99 19.21
N PRO A 81 -14.08 -18.30 20.45
CA PRO A 81 -14.42 -19.68 20.82
C PRO A 81 -15.47 -20.36 19.91
N GLU A 82 -16.28 -19.56 19.22
CA GLU A 82 -17.35 -20.07 18.34
C GLU A 82 -16.94 -20.18 16.86
N TYR A 83 -15.73 -19.74 16.54
CA TYR A 83 -15.22 -19.83 15.17
C TYR A 83 -14.53 -21.16 14.89
N ASP A 84 -14.78 -21.68 13.70
CA ASP A 84 -14.15 -22.91 13.24
C ASP A 84 -14.03 -22.88 11.73
N LEU A 85 -12.82 -23.03 11.21
CA LEU A 85 -12.61 -22.99 9.75
C LEU A 85 -13.41 -24.02 8.96
N ASP A 86 -13.39 -25.28 9.39
CA ASP A 86 -14.24 -26.33 8.76
C ASP A 86 -15.69 -25.91 8.66
N LYS A 87 -16.24 -25.41 9.78
CA LYS A 87 -17.65 -25.03 9.86
C LYS A 87 -17.96 -23.73 9.12
N TYR A 88 -16.98 -22.83 9.01
CA TYR A 88 -17.14 -21.65 8.20
C TYR A 88 -17.32 -22.04 6.74
N LEU A 89 -16.48 -22.98 6.28
CA LEU A 89 -16.44 -23.43 4.90
C LEU A 89 -17.70 -24.21 4.50
N LYS A 90 -18.10 -25.15 5.36
CA LYS A 90 -19.38 -25.86 5.23
C LYS A 90 -20.55 -24.91 5.20
N ALA A 91 -20.56 -23.95 6.12
CA ALA A 91 -21.62 -22.95 6.17
C ALA A 91 -21.82 -22.22 4.83
N TYR A 92 -20.74 -21.73 4.25
CA TYR A 92 -20.84 -20.77 3.13
C TYR A 92 -20.41 -21.28 1.73
N ASP A 93 -20.21 -22.59 1.63
CA ASP A 93 -20.01 -23.29 0.37
C ASP A 93 -21.12 -22.96 -0.62
N PRO A 94 -20.76 -22.31 -1.76
CA PRO A 94 -21.69 -21.86 -2.80
C PRO A 94 -22.71 -22.94 -3.19
N SER A 95 -22.23 -24.18 -3.26
CA SER A 95 -23.02 -25.37 -3.55
C SER A 95 -24.32 -25.49 -2.72
N THR A 96 -24.23 -25.23 -1.42
CA THR A 96 -25.37 -25.34 -0.49
C THR A 96 -25.91 -23.99 0.00
N TRP A 97 -25.04 -22.97 0.03
CA TRP A 97 -25.36 -21.67 0.58
C TRP A 97 -25.85 -20.70 -0.51
N GLY A 98 -25.29 -20.84 -1.71
CA GLY A 98 -25.61 -19.94 -2.83
C GLY A 98 -24.80 -18.67 -2.82
N LYS A 99 -25.37 -17.63 -3.42
CA LYS A 99 -24.68 -16.34 -3.62
C LYS A 99 -25.08 -15.25 -2.64
N LYS A 100 -25.95 -15.57 -1.68
CA LYS A 100 -26.30 -14.60 -0.64
C LYS A 100 -25.08 -14.37 0.26
N GLU A 101 -25.01 -13.16 0.81
CA GLU A 101 -23.96 -12.75 1.73
C GLU A 101 -23.89 -13.71 2.93
N PRO A 102 -22.68 -14.19 3.29
CA PRO A 102 -22.49 -14.98 4.51
C PRO A 102 -23.01 -14.27 5.76
N SER A 103 -23.76 -15.01 6.58
CA SER A 103 -24.39 -14.47 7.78
C SER A 103 -24.71 -15.63 8.72
N GLY A 104 -25.08 -15.31 9.95
CA GLY A 104 -25.25 -16.33 10.97
C GLY A 104 -23.98 -16.58 11.76
N THR A 105 -23.99 -17.68 12.49
CA THR A 105 -23.02 -18.00 13.55
C THR A 105 -21.55 -17.90 13.17
N GLN A 106 -21.15 -18.57 12.11
CA GLN A 106 -19.75 -18.61 11.73
C GLN A 106 -19.17 -17.25 11.31
N GLU A 107 -19.88 -16.55 10.43
CA GLU A 107 -19.49 -15.20 10.00
C GLU A 107 -19.36 -14.22 11.18
N GLU A 108 -20.32 -14.24 12.09
CA GLU A 108 -20.29 -13.39 13.29
C GLU A 108 -19.07 -13.67 14.19
N ALA A 109 -18.75 -14.96 14.36
CA ALA A 109 -17.58 -15.44 15.10
C ALA A 109 -16.27 -15.09 14.39
N ARG A 110 -16.28 -15.17 13.05
CA ARG A 110 -15.15 -14.72 12.22
C ARG A 110 -14.89 -13.22 12.37
N ALA A 111 -15.95 -12.42 12.42
CA ALA A 111 -15.83 -10.96 12.55
C ALA A 111 -15.26 -10.56 13.92
N ARG A 112 -15.67 -11.28 14.97
CA ARG A 112 -15.13 -11.10 16.32
C ARG A 112 -13.67 -11.55 16.40
N SER A 113 -13.32 -12.62 15.68
CA SER A 113 -11.95 -13.14 15.63
C SER A 113 -11.02 -12.13 14.98
N GLN A 114 -11.53 -11.48 13.94
CA GLN A 114 -10.77 -10.50 13.19
C GLN A 114 -10.43 -9.27 14.05
N LYS A 115 -11.42 -8.77 14.79
CA LYS A 115 -11.22 -7.65 15.72
C LYS A 115 -10.23 -7.96 16.86
N ASN A 116 -10.11 -9.24 17.21
CA ASN A 116 -9.12 -9.69 18.20
C ASN A 116 -7.67 -9.55 17.68
N GLN A 117 -7.41 -9.96 16.44
CA GLN A 117 -6.09 -9.77 15.82
C GLN A 117 -5.79 -8.30 15.55
N LYS A 118 -6.81 -7.61 15.07
CA LYS A 118 -6.74 -6.19 14.69
C LYS A 118 -6.20 -5.35 15.83
N ALA A 119 -6.62 -5.68 17.04
CA ALA A 119 -6.24 -4.96 18.24
C ALA A 119 -4.75 -5.05 18.54
N ARG A 120 -4.07 -6.09 18.03
CA ARG A 120 -2.62 -6.22 18.18
C ARG A 120 -1.83 -5.63 17.01
N VAL A 121 -2.30 -5.86 15.78
CA VAL A 121 -1.51 -5.56 14.59
C VAL A 121 -1.69 -4.15 14.06
N MET A 122 -2.88 -3.58 14.28
CA MET A 122 -3.20 -2.28 13.72
C MET A 122 -2.99 -1.17 14.73
N VAL A 123 -2.29 -0.12 14.27
CA VAL A 123 -1.74 0.91 15.13
C VAL A 123 -1.88 2.25 14.41
N ASP A 124 -2.45 3.26 15.10
CA ASP A 124 -2.60 4.63 14.56
C ASP A 124 -1.36 5.49 14.81
N ILE A 125 -0.95 6.24 13.79
CA ILE A 125 0.20 7.16 13.91
C ILE A 125 -0.30 8.60 14.16
N PRO A 126 0.10 9.21 15.29
CA PRO A 126 -0.38 10.55 15.64
C PRO A 126 0.27 11.66 14.77
N ALA A 127 -0.28 12.88 14.86
CA ALA A 127 0.21 14.02 14.08
C ALA A 127 1.65 14.38 14.42
N ASN A 128 2.38 14.90 13.42
CA ASN A 128 3.75 15.41 13.60
C ASN A 128 4.75 14.32 14.05
N THR A 129 4.83 13.25 13.27
CA THR A 129 5.62 12.06 13.59
C THR A 129 6.55 11.63 12.45
N THR A 130 7.81 11.35 12.78
CA THR A 130 8.73 10.68 11.85
C THR A 130 9.05 9.31 12.44
N ILE A 131 8.84 8.26 11.65
CA ILE A 131 9.23 6.91 12.03
C ILE A 131 10.21 6.41 10.98
N VAL A 132 11.46 6.18 11.38
CA VAL A 132 12.49 5.75 10.44
C VAL A 132 13.25 4.52 10.96
N GLY A 133 13.70 3.67 10.03
CA GLY A 133 14.53 2.53 10.40
C GLY A 133 15.96 2.95 10.59
N SER A 134 16.60 2.43 11.64
CA SER A 134 18.04 2.59 11.84
C SER A 134 18.77 1.45 11.18
N GLY A 135 19.84 1.76 10.45
CA GLY A 135 20.62 0.76 9.73
C GLY A 135 19.93 0.25 8.48
N THR A 136 20.31 -0.95 8.05
CA THR A 136 19.79 -1.53 6.82
C THR A 136 18.78 -2.64 7.11
N ASN A 137 18.49 -2.89 8.39
CA ASN A 137 17.67 -4.04 8.76
C ASN A 137 16.46 -3.77 9.67
N ALA A 138 15.94 -2.54 9.66
CA ALA A 138 14.67 -2.24 10.34
C ALA A 138 13.48 -2.88 9.59
N LYS A 139 12.67 -3.61 10.34
CA LYS A 139 11.53 -4.36 9.82
C LYS A 139 10.32 -4.22 10.74
N VAL A 140 9.14 -4.13 10.13
CA VAL A 140 7.86 -4.29 10.82
C VAL A 140 7.13 -5.52 10.22
N VAL A 141 6.87 -6.52 11.06
CA VAL A 141 6.33 -7.82 10.63
C VAL A 141 4.92 -8.03 11.19
N GLY A 142 3.95 -8.22 10.29
CA GLY A 142 2.55 -8.40 10.66
C GLY A 142 1.83 -7.08 10.88
N GLY A 143 2.59 -5.99 10.93
CA GLY A 143 2.04 -4.68 11.27
C GLY A 143 1.28 -3.96 10.18
N ASN A 144 0.22 -3.25 10.61
CA ASN A 144 -0.54 -2.35 9.75
C ASN A 144 -0.56 -0.95 10.41
N PHE A 145 0.35 -0.09 9.97
CA PHE A 145 0.34 1.33 10.38
C PHE A 145 -0.88 2.03 9.78
N GLN A 146 -1.61 2.80 10.58
CA GLN A 146 -2.72 3.63 10.04
C GLN A 146 -2.47 5.11 10.27
N ILE A 147 -2.60 5.91 9.22
CA ILE A 147 -2.47 7.36 9.36
C ILE A 147 -3.76 8.10 9.03
N LYS A 148 -4.43 8.56 10.08
CA LYS A 148 -5.59 9.45 9.95
C LYS A 148 -5.22 10.91 10.19
N SER A 149 -3.98 11.15 10.64
CA SER A 149 -3.54 12.49 11.06
C SER A 149 -2.80 13.29 9.98
N ASP A 150 -2.31 14.47 10.35
CA ASP A 150 -1.54 15.33 9.46
C ASP A 150 -0.05 15.31 9.80
N ASN A 151 0.79 15.29 8.75
CA ASN A 151 2.24 15.56 8.87
C ASN A 151 3.07 14.37 9.38
N VAL A 152 3.13 13.32 8.58
CA VAL A 152 3.81 12.10 9.03
C VAL A 152 4.88 11.62 8.03
N ILE A 153 6.08 11.33 8.52
CA ILE A 153 7.14 10.76 7.67
C ILE A 153 7.45 9.29 8.04
N ILE A 154 7.53 8.42 7.04
CA ILE A 154 7.91 7.02 7.25
C ILE A 154 8.99 6.66 6.24
N ARG A 155 10.19 6.30 6.73
CA ARG A 155 11.32 6.00 5.84
C ARG A 155 12.17 4.82 6.28
N ASN A 156 12.77 4.10 5.33
CA ASN A 156 13.85 3.14 5.58
C ASN A 156 13.45 1.87 6.39
N ILE A 157 12.21 1.42 6.17
CA ILE A 157 11.69 0.26 6.86
C ILE A 157 11.26 -0.82 5.85
N GLU A 158 11.59 -2.07 6.15
CA GLU A 158 11.00 -3.19 5.44
C GLU A 158 9.70 -3.64 6.12
N PHE A 159 8.57 -3.42 5.44
CA PHE A 159 7.26 -3.90 5.89
C PHE A 159 6.99 -5.28 5.30
N GLN A 160 6.75 -6.27 6.16
CA GLN A 160 6.49 -7.64 5.70
C GLN A 160 5.15 -8.20 6.21
N ASP A 161 4.44 -8.86 5.29
CA ASP A 161 3.42 -9.86 5.62
C ASP A 161 2.32 -9.35 6.55
N ALA A 162 1.56 -8.36 6.07
CA ALA A 162 0.38 -7.86 6.80
C ALA A 162 -0.76 -8.85 6.60
N TYR A 163 -0.77 -9.86 7.46
CA TYR A 163 -1.44 -11.13 7.29
C TYR A 163 -2.67 -11.21 8.21
N ASP A 164 -3.82 -11.54 7.61
CA ASP A 164 -5.11 -11.66 8.28
C ASP A 164 -5.41 -13.15 8.43
N TYR A 165 -5.64 -13.59 9.66
CA TYR A 165 -5.93 -15.01 9.95
C TYR A 165 -7.36 -15.40 9.61
N PHE A 166 -8.22 -14.40 9.40
CA PHE A 166 -9.66 -14.64 9.22
C PHE A 166 -10.24 -13.99 7.95
N PRO A 167 -9.74 -14.43 6.76
CA PRO A 167 -10.29 -13.92 5.51
C PRO A 167 -11.79 -14.17 5.43
N GLN A 168 -12.50 -13.23 4.81
CA GLN A 168 -13.95 -13.29 4.66
C GLN A 168 -14.32 -13.71 3.24
N TRP A 169 -15.28 -14.62 3.12
CA TRP A 169 -15.79 -15.04 1.81
C TRP A 169 -16.82 -14.03 1.28
N ASP A 170 -16.62 -13.58 0.05
CA ASP A 170 -17.62 -12.78 -0.64
C ASP A 170 -17.98 -13.42 -1.98
N PRO A 171 -19.11 -14.18 -2.01
CA PRO A 171 -19.57 -14.93 -3.19
C PRO A 171 -19.99 -14.00 -4.35
N THR A 172 -20.26 -12.74 -4.03
CA THR A 172 -20.64 -11.73 -5.01
C THR A 172 -19.45 -10.87 -5.49
N ASP A 173 -18.24 -11.23 -5.06
CA ASP A 173 -17.03 -10.47 -5.42
C ASP A 173 -16.41 -11.04 -6.70
N GLY A 174 -16.78 -10.42 -7.81
CA GLY A 174 -16.46 -10.97 -9.11
C GLY A 174 -17.38 -12.15 -9.41
N SER A 175 -17.11 -12.82 -10.52
CA SER A 175 -18.01 -13.82 -11.10
C SER A 175 -18.08 -15.15 -10.34
N SER A 176 -17.01 -15.51 -9.65
CA SER A 176 -17.05 -16.71 -8.79
C SER A 176 -16.62 -16.46 -7.33
N GLY A 177 -16.79 -15.22 -6.86
CA GLY A 177 -16.46 -14.85 -5.49
C GLY A 177 -14.99 -14.57 -5.28
N ASN A 178 -14.63 -14.14 -4.07
CA ASN A 178 -13.24 -13.92 -3.66
C ASN A 178 -13.19 -13.92 -2.15
N TRP A 179 -12.02 -14.28 -1.61
CA TRP A 179 -11.72 -14.03 -0.21
C TRP A 179 -11.07 -12.65 -0.09
N ASN A 180 -11.47 -11.87 0.92
CA ASN A 180 -10.89 -10.55 1.22
C ASN A 180 -10.39 -10.39 2.65
N SER A 181 -9.22 -9.77 2.80
CA SER A 181 -8.64 -9.54 4.12
C SER A 181 -8.51 -8.04 4.42
N GLN A 182 -8.11 -7.71 5.65
CA GLN A 182 -8.17 -6.33 6.14
C GLN A 182 -6.85 -5.53 6.25
N TYR A 183 -5.72 -6.19 6.52
CA TYR A 183 -4.48 -5.45 6.83
C TYR A 183 -3.59 -5.07 5.64
N ASP A 184 -3.36 -3.77 5.52
CA ASP A 184 -2.31 -3.24 4.63
C ASP A 184 -1.02 -3.07 5.44
N ASN A 185 0.10 -2.81 4.78
CA ASN A 185 1.30 -2.40 5.49
C ASN A 185 1.11 -1.00 6.07
N ILE A 186 0.60 -0.09 5.21
CA ILE A 186 0.23 1.28 5.59
C ILE A 186 -1.14 1.62 4.97
N THR A 187 -2.06 2.08 5.82
CA THR A 187 -3.37 2.59 5.39
C THR A 187 -3.39 4.08 5.71
N ILE A 188 -3.59 4.90 4.69
CA ILE A 188 -3.76 6.32 4.91
C ILE A 188 -5.26 6.59 4.85
N ASN A 189 -5.85 6.76 6.03
CA ASN A 189 -7.29 6.89 6.22
C ASN A 189 -7.68 8.34 6.55
N GLY A 190 -7.81 9.18 5.53
CA GLY A 190 -8.03 10.60 5.76
C GLY A 190 -6.78 11.36 6.18
N GLY A 191 -5.61 10.68 6.13
CA GLY A 191 -4.33 11.30 6.46
C GLY A 191 -3.87 12.31 5.42
N THR A 192 -3.15 13.33 5.86
CA THR A 192 -2.73 14.42 4.96
C THR A 192 -1.28 14.77 5.24
N HIS A 193 -0.59 15.28 4.21
CA HIS A 193 0.83 15.66 4.28
C HIS A 193 1.68 14.51 4.79
N ILE A 194 1.91 13.55 3.91
CA ILE A 194 2.58 12.31 4.24
C ILE A 194 3.71 12.06 3.24
N TRP A 195 4.82 11.54 3.74
CA TRP A 195 5.94 11.12 2.90
C TRP A 195 6.27 9.67 3.27
N ILE A 196 6.23 8.78 2.29
CA ILE A 196 6.68 7.41 2.48
C ILE A 196 7.84 7.20 1.52
N ASP A 197 9.03 6.97 2.07
CA ASP A 197 10.24 7.00 1.26
C ASP A 197 11.23 5.90 1.65
N HIS A 198 11.91 5.33 0.66
CA HIS A 198 12.92 4.28 0.87
C HIS A 198 12.44 3.16 1.78
N CYS A 199 11.20 2.71 1.54
CA CYS A 199 10.63 1.57 2.25
C CYS A 199 10.51 0.36 1.33
N THR A 200 10.41 -0.81 1.94
CA THR A 200 10.23 -2.05 1.21
C THR A 200 8.96 -2.72 1.70
N PHE A 201 8.12 -3.11 0.74
CA PHE A 201 6.86 -3.79 1.01
C PHE A 201 6.83 -5.14 0.29
N ASN A 202 6.73 -6.22 1.07
CA ASN A 202 6.64 -7.57 0.50
C ASN A 202 5.75 -8.49 1.35
N ASP A 203 5.58 -9.75 0.93
CA ASP A 203 4.71 -10.69 1.64
C ASP A 203 5.49 -11.66 2.53
N GLY A 204 6.76 -11.32 2.76
CA GLY A 204 7.63 -12.03 3.70
C GLY A 204 7.78 -13.52 3.45
N SER A 205 7.67 -14.27 4.54
CA SER A 205 7.75 -15.73 4.50
C SER A 205 6.47 -16.41 4.07
N ARG A 206 5.35 -15.70 4.09
CA ARG A 206 4.08 -16.32 3.68
C ARG A 206 3.48 -15.76 2.38
N PRO A 207 4.18 -15.94 1.23
CA PRO A 207 3.60 -15.48 -0.03
C PRO A 207 2.30 -16.21 -0.37
N ASP A 208 1.53 -15.66 -1.30
CA ASP A 208 0.19 -16.16 -1.62
C ASP A 208 0.26 -17.59 -2.15
N SER A 209 1.45 -17.98 -2.60
CA SER A 209 1.69 -19.33 -3.15
C SER A 209 1.70 -20.43 -2.09
N THR A 210 1.70 -20.05 -0.81
CA THR A 210 1.59 -21.02 0.30
C THR A 210 0.15 -21.10 0.86
N SER A 211 -0.77 -20.44 0.18
CA SER A 211 -2.17 -20.45 0.62
C SER A 211 -2.95 -21.40 -0.27
N PRO A 212 -3.85 -22.22 0.34
CA PRO A 212 -4.76 -23.07 -0.45
C PRO A 212 -5.82 -22.25 -1.21
N LYS A 213 -6.51 -22.91 -2.14
CA LYS A 213 -7.74 -22.37 -2.72
C LYS A 213 -8.92 -23.04 -2.04
N TYR A 214 -9.91 -22.24 -1.64
CA TYR A 214 -11.19 -22.75 -1.16
C TYR A 214 -12.31 -22.22 -2.05
N TYR A 215 -13.18 -23.12 -2.49
CA TYR A 215 -14.19 -22.84 -3.50
C TYR A 215 -13.56 -22.45 -4.84
N GLY A 216 -12.34 -22.91 -5.07
CA GLY A 216 -11.60 -22.60 -6.30
C GLY A 216 -10.99 -21.21 -6.32
N ARG A 217 -11.00 -20.54 -5.18
CA ARG A 217 -10.51 -19.17 -5.07
C ARG A 217 -9.40 -19.11 -4.04
N LYS A 218 -8.33 -18.36 -4.34
CA LYS A 218 -7.24 -18.18 -3.38
C LYS A 218 -7.73 -17.65 -2.01
N TYR A 219 -7.42 -18.40 -0.97
CA TYR A 219 -7.64 -18.01 0.42
C TYR A 219 -6.66 -16.87 0.79
N GLN A 220 -7.08 -15.65 0.43
CA GLN A 220 -6.23 -14.46 0.45
C GLN A 220 -6.05 -13.89 1.85
N HIS A 221 -4.83 -14.01 2.40
CA HIS A 221 -4.50 -13.48 3.74
C HIS A 221 -4.04 -12.03 3.75
N HIS A 222 -3.78 -11.47 2.57
CA HIS A 222 -3.20 -10.14 2.43
C HIS A 222 -4.18 -9.12 1.84
N ASP A 223 -3.92 -7.84 2.11
CA ASP A 223 -4.68 -6.81 1.44
C ASP A 223 -3.72 -5.93 0.66
N GLY A 224 -3.65 -4.65 1.01
CA GLY A 224 -2.82 -3.69 0.27
C GLY A 224 -1.40 -3.55 0.84
N GLN A 225 -0.59 -2.77 0.15
CA GLN A 225 0.74 -2.41 0.61
C GLN A 225 0.68 -0.96 1.11
N THR A 226 0.43 -0.03 0.20
CA THR A 226 0.12 1.35 0.59
C THR A 226 -1.19 1.78 -0.06
N ASP A 227 -2.27 1.71 0.72
CA ASP A 227 -3.60 2.18 0.33
C ASP A 227 -3.87 3.60 0.88
N ALA A 228 -4.67 4.36 0.14
CA ALA A 228 -5.14 5.68 0.54
C ALA A 228 -6.64 5.84 0.27
N SER A 229 -7.34 6.40 1.26
CA SER A 229 -8.80 6.28 1.36
C SER A 229 -9.39 7.50 2.04
N ASN A 230 -10.70 7.69 1.86
CA ASN A 230 -11.50 8.68 2.62
C ASN A 230 -10.92 10.08 2.75
N GLY A 231 -10.63 10.71 1.61
CA GLY A 231 -10.15 12.08 1.62
C GLY A 231 -8.69 12.23 2.01
N ALA A 232 -7.91 11.17 1.87
CA ALA A 232 -6.43 11.26 1.96
C ALA A 232 -5.93 12.26 0.92
N ASN A 233 -4.96 13.10 1.27
CA ASN A 233 -4.56 14.21 0.42
C ASN A 233 -3.18 14.70 0.76
N TYR A 234 -2.42 15.14 -0.25
CA TYR A 234 -1.05 15.69 -0.09
C TYR A 234 0.00 14.66 0.36
N ILE A 235 0.30 13.73 -0.52
CA ILE A 235 1.11 12.56 -0.19
C ILE A 235 2.19 12.34 -1.25
N THR A 236 3.40 12.05 -0.81
CA THR A 236 4.47 11.63 -1.71
C THR A 236 4.95 10.24 -1.31
N MET A 237 4.97 9.30 -2.26
CA MET A 237 5.62 8.00 -2.06
C MET A 237 6.77 7.90 -3.07
N SER A 238 8.00 7.81 -2.57
CA SER A 238 9.20 7.86 -3.41
C SER A 238 10.24 6.82 -3.02
N TYR A 239 10.92 6.26 -4.03
CA TYR A 239 12.02 5.29 -3.88
C TYR A 239 11.68 4.08 -3.01
N ASN A 240 10.47 3.56 -3.17
CA ASN A 240 10.03 2.38 -2.41
C ASN A 240 10.19 1.15 -3.25
N TYR A 241 10.46 0.02 -2.63
CA TYR A 241 10.57 -1.27 -3.31
C TYR A 241 9.38 -2.16 -2.95
N TYR A 242 8.44 -2.26 -3.89
CA TYR A 242 7.27 -3.13 -3.75
C TYR A 242 7.52 -4.40 -4.52
N HIS A 243 7.52 -5.55 -3.82
CA HIS A 243 7.66 -6.82 -4.55
C HIS A 243 6.92 -8.00 -3.95
N ASP A 244 6.58 -8.96 -4.82
CA ASP A 244 6.00 -10.25 -4.42
C ASP A 244 4.69 -10.11 -3.65
N HIS A 245 3.68 -9.55 -4.32
CA HIS A 245 2.42 -9.17 -3.70
C HIS A 245 1.34 -9.01 -4.78
N ASP A 246 0.08 -9.28 -4.42
CA ASP A 246 -1.03 -9.20 -5.36
C ASP A 246 -1.48 -7.74 -5.57
N LYS A 247 -2.35 -7.22 -4.70
CA LYS A 247 -2.90 -5.86 -4.84
C LYS A 247 -2.09 -4.84 -4.05
N SER A 248 -1.38 -3.96 -4.76
CA SER A 248 -0.40 -3.05 -4.17
C SER A 248 -0.97 -1.76 -3.55
N SER A 249 -1.52 -0.89 -4.40
CA SER A 249 -1.91 0.48 -4.00
C SER A 249 -3.27 0.89 -4.56
N ILE A 250 -4.29 0.86 -3.71
CA ILE A 250 -5.61 1.32 -4.08
C ILE A 250 -5.87 2.71 -3.50
N PHE A 251 -5.96 3.71 -4.36
CA PHE A 251 -6.19 5.08 -3.95
C PHE A 251 -7.64 5.46 -4.25
N GLY A 252 -8.45 5.59 -3.20
CA GLY A 252 -9.89 5.77 -3.34
C GLY A 252 -10.59 4.42 -3.32
N SER A 253 -11.28 4.15 -2.22
CA SER A 253 -11.80 2.82 -1.94
C SER A 253 -13.18 2.49 -2.53
N SER A 254 -13.88 3.49 -3.09
CA SER A 254 -15.28 3.30 -3.47
C SER A 254 -15.74 4.29 -4.56
N ASP A 255 -16.43 3.79 -5.59
CA ASP A 255 -17.03 4.66 -6.64
C ASP A 255 -18.07 5.65 -6.06
N SER A 256 -18.61 5.32 -4.88
CA SER A 256 -19.60 6.11 -4.16
C SER A 256 -19.03 7.29 -3.36
N LYS A 257 -17.75 7.20 -3.01
CA LYS A 257 -17.10 8.24 -2.21
C LYS A 257 -16.72 9.42 -3.11
N THR A 258 -17.75 10.08 -3.62
CA THR A 258 -17.60 11.23 -4.51
C THR A 258 -16.92 12.39 -3.79
N SER A 259 -16.97 12.35 -2.46
CA SER A 259 -16.21 13.28 -1.62
C SER A 259 -14.68 13.18 -1.81
N ASP A 260 -14.17 12.07 -2.34
CA ASP A 260 -12.73 11.98 -2.69
C ASP A 260 -12.33 12.88 -3.87
N ASP A 261 -13.33 13.39 -4.60
CA ASP A 261 -13.09 14.25 -5.74
C ASP A 261 -12.40 15.55 -5.32
N GLY A 262 -11.33 15.92 -6.02
CA GLY A 262 -10.49 17.06 -5.60
C GLY A 262 -9.51 16.71 -4.48
N LYS A 263 -9.52 15.44 -4.04
CA LYS A 263 -8.58 14.95 -3.03
C LYS A 263 -7.72 13.83 -3.60
N LEU A 264 -7.12 13.00 -2.73
CA LEU A 264 -6.20 11.93 -3.16
C LEU A 264 -5.14 12.45 -4.11
N LYS A 265 -4.59 13.62 -3.78
CA LYS A 265 -3.49 14.22 -4.50
C LYS A 265 -2.22 13.54 -4.00
N ILE A 266 -1.71 12.63 -4.83
CA ILE A 266 -0.61 11.71 -4.49
C ILE A 266 0.46 11.73 -5.59
N THR A 267 1.73 11.72 -5.20
CA THR A 267 2.83 11.65 -6.17
C THR A 267 3.65 10.38 -5.97
N LEU A 268 3.74 9.57 -7.03
CA LEU A 268 4.55 8.36 -7.00
C LEU A 268 5.75 8.52 -7.91
N HIS A 269 6.96 8.48 -7.34
CA HIS A 269 8.17 8.51 -8.17
C HIS A 269 9.32 7.66 -7.69
N HIS A 270 10.00 7.02 -8.64
CA HIS A 270 11.21 6.24 -8.38
C HIS A 270 10.98 4.96 -7.56
N ASN A 271 9.73 4.49 -7.60
CA ASN A 271 9.32 3.24 -6.98
C ASN A 271 9.58 2.05 -7.91
N ARG A 272 10.02 0.94 -7.31
CA ARG A 272 10.16 -0.35 -7.98
C ARG A 272 8.96 -1.24 -7.65
N TYR A 273 8.40 -1.89 -8.68
CA TYR A 273 7.31 -2.85 -8.55
C TYR A 273 7.70 -4.14 -9.27
N LYS A 274 8.23 -5.12 -8.53
CA LYS A 274 8.62 -6.41 -9.07
C LYS A 274 7.67 -7.54 -8.62
N ASN A 275 7.15 -8.31 -9.58
CA ASN A 275 6.23 -9.41 -9.28
C ASN A 275 5.07 -8.92 -8.42
N ILE A 276 4.44 -7.84 -8.91
CA ILE A 276 3.20 -7.29 -8.37
C ILE A 276 2.11 -7.60 -9.39
N VAL A 277 0.99 -8.15 -8.93
CA VAL A 277 -0.06 -8.54 -9.86
C VAL A 277 -0.77 -7.32 -10.48
N GLN A 278 -1.28 -6.43 -9.63
CA GLN A 278 -2.21 -5.40 -10.07
C GLN A 278 -2.18 -4.18 -9.15
N ALA A 279 -2.86 -3.10 -9.59
CA ALA A 279 -3.10 -1.89 -8.80
C ALA A 279 -1.81 -1.18 -8.36
N ALA A 280 -1.08 -0.63 -9.32
CA ALA A 280 0.20 0.03 -9.01
C ALA A 280 0.37 1.40 -9.70
N PRO A 281 -0.54 2.36 -9.41
CA PRO A 281 -1.70 2.27 -8.51
C PRO A 281 -3.06 2.06 -9.23
N ARG A 282 -4.07 1.60 -8.48
CA ARG A 282 -5.46 1.71 -8.93
C ARG A 282 -6.08 2.99 -8.37
N VAL A 283 -6.56 3.89 -9.24
CA VAL A 283 -7.00 5.22 -8.82
C VAL A 283 -8.48 5.47 -9.12
N ARG A 284 -9.16 6.05 -8.13
CA ARG A 284 -10.46 6.67 -8.31
C ARG A 284 -10.29 8.16 -7.98
N PHE A 285 -10.92 9.01 -8.80
CA PHE A 285 -11.09 10.47 -8.54
C PHE A 285 -9.85 11.37 -8.56
N GLY A 286 -8.72 10.85 -8.08
CA GLY A 286 -7.57 11.68 -7.69
C GLY A 286 -6.60 12.12 -8.77
N GLN A 287 -6.02 13.31 -8.56
CA GLN A 287 -4.92 13.83 -9.38
C GLN A 287 -3.63 13.17 -8.90
N VAL A 288 -3.23 12.11 -9.58
CA VAL A 288 -2.04 11.34 -9.18
C VAL A 288 -0.92 11.44 -10.21
N HIS A 289 0.25 11.89 -9.75
CA HIS A 289 1.44 12.04 -10.59
C HIS A 289 2.30 10.81 -10.42
N VAL A 290 2.43 10.05 -11.49
CA VAL A 290 3.21 8.81 -11.52
C VAL A 290 4.37 9.01 -12.48
N TYR A 291 5.60 9.12 -11.97
CA TYR A 291 6.76 9.32 -12.85
C TYR A 291 8.03 8.58 -12.41
N ASN A 292 8.84 8.14 -13.38
CA ASN A 292 10.12 7.47 -13.13
C ASN A 292 9.97 6.20 -12.27
N ASN A 293 8.88 5.45 -12.48
CA ASN A 293 8.72 4.17 -11.80
C ASN A 293 9.10 3.05 -12.75
N TYR A 294 9.60 1.95 -12.19
CA TYR A 294 9.96 0.79 -12.98
C TYR A 294 9.10 -0.40 -12.54
N TYR A 295 8.48 -1.04 -13.52
CA TYR A 295 7.61 -2.20 -13.34
C TYR A 295 8.25 -3.37 -14.09
N GLU A 296 8.28 -4.54 -13.45
CA GLU A 296 8.89 -5.75 -14.00
C GLU A 296 8.17 -6.99 -13.49
N GLY A 297 7.92 -7.93 -14.39
CA GLY A 297 7.16 -9.13 -14.05
C GLY A 297 6.94 -10.02 -15.25
N SER A 298 6.06 -10.99 -15.06
CA SER A 298 5.75 -12.02 -16.03
C SER A 298 4.26 -12.33 -15.96
N THR A 299 3.60 -12.35 -17.12
CA THR A 299 2.19 -12.77 -17.20
C THR A 299 2.01 -14.28 -16.93
N SER A 300 3.08 -15.05 -17.04
CA SER A 300 2.98 -16.50 -16.97
C SER A 300 3.66 -17.06 -15.72
N SER A 301 3.98 -16.16 -14.78
CA SER A 301 4.62 -16.53 -13.53
C SER A 301 3.67 -17.37 -12.66
N SER A 302 4.24 -18.20 -11.80
CA SER A 302 3.47 -19.15 -11.01
C SER A 302 3.00 -18.60 -9.66
N SER A 303 3.68 -17.60 -9.11
CA SER A 303 3.26 -17.07 -7.81
C SER A 303 2.51 -15.71 -7.85
N TYR A 304 3.02 -14.76 -8.62
CA TYR A 304 2.41 -13.43 -8.73
C TYR A 304 2.45 -12.95 -10.19
N PRO A 305 1.61 -13.54 -11.06
CA PRO A 305 1.61 -13.18 -12.47
C PRO A 305 1.04 -11.78 -12.72
N PHE A 306 1.77 -11.00 -13.52
CA PHE A 306 1.40 -9.62 -13.87
C PHE A 306 0.03 -9.54 -14.56
N SER A 307 -0.84 -8.68 -14.05
CA SER A 307 -2.16 -8.43 -14.64
C SER A 307 -2.17 -7.03 -15.30
N TYR A 308 -2.07 -5.98 -14.47
CA TYR A 308 -1.89 -4.62 -15.00
C TYR A 308 -1.03 -3.75 -14.07
N ALA A 309 -0.65 -2.57 -14.56
CA ALA A 309 0.14 -1.61 -13.79
C ALA A 309 -0.76 -0.48 -13.27
N TRP A 310 -1.39 0.27 -14.18
CA TRP A 310 -2.21 1.40 -13.79
C TRP A 310 -3.68 1.09 -13.94
N GLY A 311 -4.43 1.37 -12.89
CA GLY A 311 -5.86 1.16 -12.87
C GLY A 311 -6.54 2.49 -13.12
N ILE A 312 -7.24 2.58 -14.26
CA ILE A 312 -7.96 3.79 -14.61
C ILE A 312 -9.41 3.65 -14.12
N GLY A 313 -9.60 3.95 -12.84
CA GLY A 313 -10.91 3.83 -12.21
C GLY A 313 -11.74 5.10 -12.37
N LYS A 314 -12.87 5.12 -11.67
CA LYS A 314 -13.87 6.18 -11.85
C LYS A 314 -13.36 7.60 -11.60
N SER A 315 -13.43 8.41 -12.65
CA SER A 315 -13.09 9.83 -12.61
C SER A 315 -11.63 10.13 -12.22
N SER A 316 -10.75 9.13 -12.36
CA SER A 316 -9.31 9.23 -12.08
C SER A 316 -8.55 10.18 -13.01
N LYS A 317 -7.59 10.92 -12.47
CA LYS A 317 -6.84 11.91 -13.26
C LYS A 317 -5.33 11.65 -13.20
N ILE A 318 -4.92 10.45 -13.65
CA ILE A 318 -3.50 10.05 -13.62
C ILE A 318 -2.64 10.78 -14.65
N TYR A 319 -1.59 11.43 -14.17
CA TYR A 319 -0.62 12.08 -15.03
C TYR A 319 0.68 11.27 -14.96
N ALA A 320 0.94 10.46 -16.00
CA ALA A 320 2.14 9.60 -16.03
C ALA A 320 3.25 10.14 -16.96
N GLN A 321 4.49 10.15 -16.45
CA GLN A 321 5.68 10.60 -17.20
C GLN A 321 6.86 9.63 -17.09
N ASN A 322 7.41 9.22 -18.24
CA ASN A 322 8.65 8.45 -18.27
C ASN A 322 8.70 7.27 -17.30
N ASN A 323 7.68 6.42 -17.35
CA ASN A 323 7.68 5.15 -16.64
C ASN A 323 8.12 4.01 -17.56
N VAL A 324 8.70 2.97 -16.95
CA VAL A 324 9.29 1.87 -17.72
C VAL A 324 8.67 0.53 -17.29
N ILE A 325 8.06 -0.16 -18.25
CA ILE A 325 7.41 -1.45 -17.99
C ILE A 325 8.14 -2.59 -18.72
N ASP A 326 8.56 -3.61 -17.97
CA ASP A 326 9.20 -4.80 -18.55
C ASP A 326 8.40 -6.10 -18.28
N VAL A 327 7.45 -6.39 -19.16
CA VAL A 327 6.65 -7.62 -19.11
C VAL A 327 6.61 -8.27 -20.51
N PRO A 328 7.39 -9.36 -20.70
CA PRO A 328 7.47 -10.04 -21.99
C PRO A 328 6.10 -10.38 -22.56
N GLY A 329 5.93 -10.19 -23.87
CA GLY A 329 4.69 -10.54 -24.55
C GLY A 329 3.51 -9.61 -24.33
N LEU A 330 3.64 -8.64 -23.41
CA LEU A 330 2.53 -7.74 -23.10
C LEU A 330 2.33 -6.66 -24.18
N SER A 331 1.08 -6.44 -24.58
CA SER A 331 0.76 -5.40 -25.54
C SER A 331 0.66 -4.03 -24.88
N ALA A 332 0.79 -2.97 -25.69
CA ALA A 332 0.68 -1.59 -25.19
C ALA A 332 -0.63 -1.37 -24.43
N ALA A 333 -1.72 -1.91 -24.96
CA ALA A 333 -3.04 -1.76 -24.33
C ALA A 333 -3.15 -2.37 -22.93
N LYS A 334 -2.48 -3.51 -22.72
CA LYS A 334 -2.63 -4.30 -21.48
C LYS A 334 -1.76 -3.86 -20.31
N THR A 335 -0.96 -2.80 -20.52
CA THR A 335 -0.21 -2.15 -19.44
C THR A 335 -1.14 -1.56 -18.38
N ILE A 336 -2.38 -1.27 -18.76
CA ILE A 336 -3.36 -0.63 -17.86
C ILE A 336 -4.68 -1.38 -17.88
N SER A 337 -5.49 -1.16 -16.85
CA SER A 337 -6.85 -1.68 -16.83
C SER A 337 -7.82 -0.52 -16.62
N VAL A 338 -8.82 -0.44 -17.50
CA VAL A 338 -9.80 0.67 -17.50
C VAL A 338 -11.13 0.19 -16.90
N PHE A 339 -11.60 0.92 -15.89
CA PHE A 339 -12.84 0.59 -15.19
C PHE A 339 -13.88 1.63 -15.54
N SER A 340 -15.16 1.29 -15.34
CA SER A 340 -16.23 2.19 -15.72
C SER A 340 -16.11 3.52 -14.96
N GLY A 341 -16.31 4.64 -15.67
CA GLY A 341 -16.06 5.95 -15.11
C GLY A 341 -14.69 6.47 -15.53
N GLY A 342 -13.80 5.54 -15.92
CA GLY A 342 -12.46 5.89 -16.34
C GLY A 342 -12.42 6.29 -17.81
N THR A 343 -12.16 7.57 -18.08
CA THR A 343 -12.17 8.05 -19.47
C THR A 343 -10.87 8.75 -19.94
N ALA A 344 -9.98 9.08 -19.02
CA ALA A 344 -8.83 9.94 -19.31
C ALA A 344 -7.51 9.50 -18.69
N LEU A 345 -6.41 9.71 -19.42
CA LEU A 345 -5.05 9.38 -18.98
C LEU A 345 -4.02 10.18 -19.74
N TYR A 346 -3.27 11.04 -19.06
CA TYR A 346 -2.07 11.60 -19.65
C TYR A 346 -0.91 10.61 -19.42
N ASP A 347 -0.23 10.22 -20.49
CA ASP A 347 1.06 9.53 -20.35
C ASP A 347 2.01 9.90 -21.50
N SER A 348 3.24 10.24 -21.12
CA SER A 348 4.31 10.44 -22.09
C SER A 348 5.56 9.70 -21.63
N GLY A 349 6.34 9.21 -22.60
CA GLY A 349 7.63 8.59 -22.36
C GLY A 349 7.56 7.15 -21.87
N THR A 350 6.37 6.55 -21.92
CA THR A 350 6.20 5.17 -21.46
C THR A 350 6.97 4.22 -22.37
N LEU A 351 7.86 3.43 -21.77
CA LEU A 351 8.61 2.41 -22.48
C LEU A 351 8.07 1.05 -22.08
N LEU A 352 7.58 0.31 -23.07
CA LEU A 352 7.19 -1.08 -22.85
C LEU A 352 8.18 -1.96 -23.59
N ASN A 353 8.88 -2.82 -22.84
CA ASN A 353 9.85 -3.79 -23.40
C ASN A 353 10.88 -3.14 -24.32
N GLY A 354 11.33 -1.94 -23.95
CA GLY A 354 12.33 -1.20 -24.72
C GLY A 354 11.74 -0.34 -25.82
N THR A 355 10.44 -0.47 -26.07
CA THR A 355 9.75 0.29 -27.11
C THR A 355 8.82 1.35 -26.52
N GLN A 356 8.91 2.57 -27.08
CA GLN A 356 8.02 3.66 -26.70
C GLN A 356 6.58 3.38 -27.14
N ILE A 357 5.65 3.53 -26.21
CA ILE A 357 4.24 3.31 -26.45
C ILE A 357 3.40 4.49 -25.92
N ASN A 358 2.15 4.57 -26.39
CA ASN A 358 1.14 5.50 -25.90
C ASN A 358 -0.01 4.65 -25.32
N ALA A 359 -0.03 4.50 -24.00
CA ALA A 359 -0.96 3.61 -23.30
C ALA A 359 -2.40 4.14 -23.34
N SER A 360 -2.52 5.46 -23.26
CA SER A 360 -3.78 6.15 -23.29
C SER A 360 -4.48 5.96 -24.65
N ALA A 361 -3.79 6.34 -25.74
CA ALA A 361 -4.27 6.13 -27.11
C ALA A 361 -4.58 4.67 -27.43
N ALA A 362 -3.72 3.77 -26.94
CA ALA A 362 -3.90 2.31 -27.05
C ALA A 362 -5.24 1.85 -26.47
N ASN A 363 -5.78 2.63 -25.55
CA ASN A 363 -7.02 2.27 -24.85
C ASN A 363 -8.19 3.16 -25.18
N GLY A 364 -7.99 4.08 -26.12
CA GLY A 364 -9.05 4.96 -26.58
C GLY A 364 -9.42 6.04 -25.58
N LEU A 365 -8.51 6.31 -24.64
CA LEU A 365 -8.76 7.28 -23.61
C LEU A 365 -8.42 8.71 -24.07
N SER A 366 -9.05 9.69 -23.45
CA SER A 366 -8.69 11.09 -23.58
C SER A 366 -7.24 11.31 -23.08
N SER A 367 -6.49 12.15 -23.79
CA SER A 367 -5.06 12.35 -23.49
C SER A 367 -4.77 13.46 -22.46
N SER A 368 -5.81 14.19 -22.06
CA SER A 368 -5.67 15.21 -21.06
C SER A 368 -6.47 14.89 -19.79
N VAL A 369 -5.87 15.22 -18.65
CA VAL A 369 -6.51 14.99 -17.34
C VAL A 369 -6.83 16.29 -16.57
N GLY A 370 -6.75 17.43 -17.25
CA GLY A 370 -7.10 18.74 -16.66
C GLY A 370 -6.17 19.33 -15.63
N TRP A 371 -4.91 18.85 -15.58
CA TRP A 371 -3.91 19.41 -14.66
C TRP A 371 -2.49 19.07 -15.11
N THR A 372 -1.53 19.84 -14.63
CA THR A 372 -0.14 19.48 -14.81
C THR A 372 0.61 19.73 -13.50
N PRO A 373 1.39 18.73 -13.03
CA PRO A 373 2.09 18.86 -11.75
C PRO A 373 3.19 19.93 -11.77
N SER A 374 3.19 20.79 -10.75
CA SER A 374 4.26 21.79 -10.59
C SER A 374 5.27 21.35 -9.54
N LEU A 375 4.81 20.59 -8.55
CA LEU A 375 5.68 20.13 -7.49
C LEU A 375 6.33 18.79 -7.84
N HIS A 376 7.56 18.84 -8.33
CA HIS A 376 8.35 17.63 -8.60
C HIS A 376 9.84 17.99 -8.73
N GLY A 377 10.71 17.05 -8.38
CA GLY A 377 12.13 17.19 -8.67
C GLY A 377 12.47 16.88 -10.12
N SER A 378 13.72 16.49 -10.34
CA SER A 378 14.24 16.12 -11.67
C SER A 378 13.55 14.92 -12.28
N ILE A 379 13.35 14.98 -13.59
CA ILE A 379 12.76 13.88 -14.33
C ILE A 379 13.83 13.18 -15.16
N ASP A 380 14.08 11.92 -14.81
CA ASP A 380 15.01 11.06 -15.53
C ASP A 380 14.45 10.78 -16.93
N ALA A 381 15.35 10.66 -17.90
CA ALA A 381 15.00 10.11 -19.20
C ALA A 381 14.51 8.67 -18.96
N SER A 382 13.48 8.24 -19.67
CA SER A 382 13.02 6.86 -19.57
C SER A 382 14.18 5.86 -19.68
N ALA A 383 15.21 6.23 -20.45
CA ALA A 383 16.35 5.35 -20.71
C ALA A 383 17.21 5.09 -19.47
N ASN A 384 17.05 5.92 -18.44
CA ASN A 384 17.81 5.73 -17.21
C ASN A 384 16.98 5.26 -16.00
N VAL A 385 15.66 5.15 -16.19
CA VAL A 385 14.73 4.82 -15.09
C VAL A 385 14.99 3.43 -14.46
N LYS A 386 15.20 2.41 -15.28
CA LYS A 386 15.45 1.07 -14.76
C LYS A 386 16.69 1.01 -13.84
N SER A 387 17.83 1.50 -14.31
CA SER A 387 19.05 1.57 -13.48
C SER A 387 18.88 2.36 -12.21
N ASN A 388 18.41 3.60 -12.34
CA ASN A 388 18.24 4.48 -11.22
C ASN A 388 17.38 3.85 -10.13
N VAL A 389 16.29 3.22 -10.53
CA VAL A 389 15.30 2.65 -9.60
C VAL A 389 15.81 1.38 -8.92
N ILE A 390 16.31 0.42 -9.70
CA ILE A 390 16.94 -0.78 -9.16
C ILE A 390 18.05 -0.45 -8.14
N ASN A 391 18.91 0.51 -8.47
CA ASN A 391 20.02 0.89 -7.58
C ASN A 391 19.62 1.62 -6.30
N GLN A 392 18.51 2.36 -6.37
CA GLN A 392 18.15 3.33 -5.33
C GLN A 392 16.92 3.02 -4.47
N ALA A 393 15.97 2.26 -5.02
CA ALA A 393 14.69 2.01 -4.35
C ALA A 393 14.77 0.95 -3.25
N GLY A 394 14.06 1.21 -2.15
CA GLY A 394 13.86 0.25 -1.07
C GLY A 394 14.57 0.55 0.24
N ALA A 395 14.22 -0.23 1.26
CA ALA A 395 14.85 -0.16 2.58
C ALA A 395 16.32 -0.58 2.49
N GLY A 396 17.16 -0.03 3.36
CA GLY A 396 18.58 -0.43 3.42
C GLY A 396 19.44 0.04 2.26
N LYS A 397 18.93 0.97 1.46
CA LYS A 397 19.69 1.62 0.40
C LYS A 397 20.35 2.88 0.95
N LEU A 398 19.70 3.47 1.95
CA LEU A 398 20.28 4.50 2.80
C LEU A 398 20.68 3.82 4.13
N ASN A 399 20.60 4.58 5.22
CA ASN A 399 20.60 4.06 6.61
C ASN A 399 20.83 5.17 7.66
C1 ADA B . -9.69 -7.52 -8.60
C2 ADA B . -10.43 -7.88 -7.32
C3 ADA B . -11.89 -7.49 -7.43
C4 ADA B . -12.03 -6.00 -7.80
C5 ADA B . -11.06 -5.55 -8.93
C6 ADA B . -10.99 -4.04 -9.04
O1 ADA B . -10.29 -8.17 -9.74
O2 ADA B . -10.31 -9.27 -6.99
O3 ADA B . -12.48 -7.76 -6.17
O4 ADA B . -11.81 -5.18 -6.66
O5 ADA B . -9.74 -6.09 -8.75
O6B ADA B . -12.06 -3.40 -9.15
O6A ADA B . -9.88 -3.48 -9.03
C1 ADA B . -12.50 -4.58 -5.54
C2 ADA B . -12.64 -3.07 -5.37
C3 ADA B . -11.32 -2.43 -4.93
C4 ADA B . -10.71 -3.22 -3.77
C5 ADA B . -10.55 -4.69 -4.16
C6 ADA B . -9.82 -5.49 -3.13
O2 ADA B . -13.10 -2.49 -6.59
O3 ADA B . -11.54 -1.07 -4.50
O4 ADA B . -11.55 -3.10 -2.62
O5 ADA B . -11.86 -5.21 -4.43
O6B ADA B . -8.96 -4.88 -2.45
O6A ADA B . -10.09 -6.70 -2.97
C1 ADA B . -11.74 -3.56 -1.27
C2 ADA B . -13.07 -3.28 -0.58
C3 ADA B . -13.21 -1.77 -0.35
C4 ADA B . -11.96 -1.19 0.36
C5 ADA B . -10.66 -1.59 -0.36
C6 ADA B . -9.46 -1.18 0.44
O2 ADA B . -14.12 -3.78 -1.40
O3 ADA B . -14.42 -1.49 0.36
O4 ADA B . -11.89 -1.60 1.73
O5 ADA B . -10.65 -3.02 -0.50
O6B ADA B . -9.24 0.04 0.59
O6A ADA B . -8.73 -2.08 0.93
C1 ADA B . -11.57 -0.74 2.85
C2 ADA B . -11.82 -1.56 4.12
C3 ADA B . -13.31 -1.76 4.37
C4 ADA B . -14.12 -0.48 4.21
C5 ADA B . -13.72 0.31 2.95
C6 ADA B . -14.46 1.62 2.79
O2 ADA B . -11.17 -2.83 4.00
O3 ADA B . -13.48 -2.31 5.68
O4 ADA B . -13.96 0.37 5.35
O5 ADA B . -12.29 0.50 2.93
O6B ADA B . -15.71 1.61 2.79
O6A ADA B . -13.80 2.68 2.64
C1 ADA B . -14.45 1.23 6.37
C2 ADA B . -13.76 2.55 6.70
C3 ADA B . -12.40 2.35 7.38
C4 ADA B . -12.47 1.34 8.54
C5 ADA B . -13.24 0.07 8.16
C6 ADA B . -13.54 -0.79 9.35
O2 ADA B . -13.57 3.30 5.48
O3 ADA B . -11.95 3.61 7.88
O4 ADA B . -13.09 1.97 9.69
O5 ADA B . -14.50 0.39 7.53
O6B ADA B . -12.81 -0.69 10.37
O6A ADA B . -14.52 -1.56 9.27
CA CA C . -6.60 -1.73 2.39
CA CA D . -12.10 -7.77 -3.46
CA CA E . -8.73 -4.22 0.02
#